data_3NBD
#
_entry.id   3NBD
#
_cell.length_a   43.119
_cell.length_b   85.080
_cell.length_c   97.629
_cell.angle_alpha   90.00
_cell.angle_beta   90.00
_cell.angle_gamma   90.00
#
_symmetry.space_group_name_H-M   'P 21 21 21'
#
loop_
_entity.id
_entity.type
_entity.pdbx_description
1 polymer 'Ricin B-like lectin'
2 branched beta-D-galactopyranose-(1-4)-alpha-D-glucopyranose
3 non-polymer 'SULFATE ION'
4 water water
#
_entity_poly.entity_id   1
_entity_poly.type   'polypeptide(L)'
_entity_poly.pdbx_seq_one_letter_code
;SITPGTYNITNVAYTNRLIDLTGSNPAENTLIIGHHLNKTPSGYGNQQWTLVQLPHTTIYTMQAVNPQSYVRVRDDNLVD
GAALVGSQQPTPVSIESAGNSGQFRIKIPNLGLALTLPSDANSTPIVLGEVDETSTNQLWAFESVSAV
;
_entity_poly.pdbx_strand_id   A,B
#
loop_
_chem_comp.id
_chem_comp.type
_chem_comp.name
_chem_comp.formula
GAL D-saccharide, beta linking beta-D-galactopyranose 'C6 H12 O6'
GLC D-saccharide, alpha linking alpha-D-glucopyranose 'C6 H12 O6'
SO4 non-polymer 'SULFATE ION' 'O4 S -2'
#
# COMPACT_ATOMS: atom_id res chain seq x y z
N SER A 1 -1.34 -15.31 0.85
CA SER A 1 -1.46 -14.26 1.91
CA SER A 1 -1.38 -14.13 1.88
C SER A 1 -2.50 -14.38 2.97
N ILE A 2 -2.42 -13.71 4.18
CA ILE A 2 -3.44 -13.88 5.28
C ILE A 2 -4.95 -13.51 4.84
N THR A 3 -5.95 -14.37 5.17
CA THR A 3 -7.40 -14.11 4.75
C THR A 3 -7.98 -12.85 5.42
N PRO A 4 -8.71 -11.97 4.68
CA PRO A 4 -9.48 -10.90 5.38
C PRO A 4 -10.30 -11.46 6.53
N GLY A 5 -10.40 -10.74 7.68
CA GLY A 5 -11.08 -11.26 8.90
C GLY A 5 -10.67 -10.55 10.16
N THR A 6 -11.12 -11.14 11.33
CA THR A 6 -10.86 -10.57 12.66
C THR A 6 -9.99 -11.52 13.53
N TYR A 7 -8.92 -10.98 14.18
CA TYR A 7 -7.84 -11.78 14.82
C TYR A 7 -7.41 -11.23 16.22
N ASN A 8 -6.99 -12.17 17.10
CA ASN A 8 -6.06 -11.82 18.24
C ASN A 8 -4.57 -11.96 17.72
N ILE A 9 -3.71 -11.00 18.06
CA ILE A 9 -2.29 -10.90 17.53
C ILE A 9 -1.31 -10.93 18.69
N THR A 10 -0.54 -12.08 18.83
CA THR A 10 0.39 -12.34 19.97
CA THR A 10 0.39 -12.33 19.98
C THR A 10 1.89 -12.19 19.51
N ASN A 11 2.76 -11.65 20.40
CA ASN A 11 4.23 -11.53 20.06
C ASN A 11 4.92 -12.96 20.12
N VAL A 12 5.93 -13.18 19.21
CA VAL A 12 6.67 -14.48 19.16
C VAL A 12 7.76 -14.58 20.27
N ALA A 13 8.50 -13.46 20.59
CA ALA A 13 9.44 -13.43 21.75
C ALA A 13 8.65 -13.63 23.11
N TYR A 14 7.54 -12.84 23.25
CA TYR A 14 6.80 -12.70 24.55
C TYR A 14 5.31 -13.16 24.30
N THR A 15 5.09 -14.53 24.43
CA THR A 15 3.83 -15.19 23.93
C THR A 15 2.57 -14.92 24.85
N ASN A 16 2.83 -14.32 26.03
CA ASN A 16 1.81 -13.80 27.03
CA ASN A 16 1.69 -13.84 26.92
C ASN A 16 1.37 -12.33 26.73
N ARG A 17 1.76 -11.74 25.60
CA ARG A 17 1.47 -10.30 25.27
C ARG A 17 0.69 -10.20 23.91
N LEU A 18 -0.53 -9.59 23.98
CA LEU A 18 -1.40 -9.27 22.79
C LEU A 18 -1.24 -7.74 22.41
N ILE A 19 -1.39 -7.43 21.11
CA ILE A 19 -1.58 -6.01 20.63
C ILE A 19 -2.93 -5.45 21.24
N ASP A 20 -2.85 -4.28 21.93
CA ASP A 20 -3.97 -3.78 22.83
C ASP A 20 -4.05 -2.22 22.71
N LEU A 21 -5.28 -1.70 22.48
CA LEU A 21 -5.53 -0.20 22.48
C LEU A 21 -5.80 0.27 23.95
N THR A 22 -4.87 1.09 24.52
CA THR A 22 -4.89 1.51 25.98
C THR A 22 -6.33 1.95 26.47
N GLY A 23 -6.85 1.25 27.53
CA GLY A 23 -8.10 1.72 28.21
C GLY A 23 -9.38 1.68 27.38
N SER A 24 -9.35 0.98 26.19
CA SER A 24 -10.51 1.09 25.23
C SER A 24 -10.83 2.59 24.88
N ASN A 25 -9.80 3.47 24.88
CA ASN A 25 -10.07 4.96 24.74
C ASN A 25 -10.21 5.32 23.20
N PRO A 26 -11.34 5.97 22.76
CA PRO A 26 -11.51 6.37 21.33
C PRO A 26 -10.74 7.64 20.90
N ALA A 27 -10.08 8.37 21.85
CA ALA A 27 -9.41 9.65 21.52
C ALA A 27 -8.24 9.45 20.48
N GLU A 28 -8.00 10.49 19.64
CA GLU A 28 -6.73 10.57 18.81
C GLU A 28 -5.47 10.36 19.69
N ASN A 29 -4.45 9.61 19.15
CA ASN A 29 -3.09 9.51 19.73
C ASN A 29 -3.04 8.60 21.04
N THR A 30 -4.13 7.84 21.32
CA THR A 30 -4.14 6.79 22.40
C THR A 30 -3.02 5.73 22.08
N LEU A 31 -2.10 5.39 23.04
CA LEU A 31 -0.99 4.45 22.72
C LEU A 31 -1.47 3.01 22.45
N ILE A 32 -0.85 2.31 21.46
CA ILE A 32 -0.98 0.83 21.23
C ILE A 32 0.23 0.14 21.96
N ILE A 33 -0.11 -0.89 22.83
CA ILE A 33 0.81 -1.51 23.82
C ILE A 33 0.76 -3.08 23.71
N GLY A 34 1.81 -3.75 24.31
CA GLY A 34 1.73 -5.22 24.63
C GLY A 34 1.13 -5.44 26.04
N HIS A 35 0.07 -6.34 26.16
CA HIS A 35 -0.64 -6.50 27.47
C HIS A 35 -1.20 -7.95 27.61
N HIS A 36 -1.32 -8.45 28.87
CA HIS A 36 -1.94 -9.78 29.14
C HIS A 36 -3.38 -9.86 28.55
N LEU A 37 -3.82 -11.10 28.12
CA LEU A 37 -5.20 -11.35 27.67
C LEU A 37 -6.17 -10.83 28.78
N ASN A 38 -7.21 -9.99 28.40
CA ASN A 38 -8.03 -9.27 29.41
C ASN A 38 -9.45 -9.89 29.71
N LYS A 39 -9.79 -11.03 29.05
CA LYS A 39 -11.02 -11.82 29.28
CA LYS A 39 -11.16 -11.74 29.12
C LYS A 39 -10.97 -13.07 28.32
N THR A 40 -11.46 -14.25 28.84
CA THR A 40 -11.53 -15.47 27.98
C THR A 40 -12.92 -15.51 27.22
N PRO A 41 -12.95 -16.09 25.95
CA PRO A 41 -11.79 -16.77 25.23
C PRO A 41 -10.85 -15.79 24.44
N SER A 42 -11.36 -14.61 24.00
CA SER A 42 -10.75 -13.82 22.89
C SER A 42 -10.63 -12.28 23.19
N GLY A 43 -10.65 -11.92 24.51
CA GLY A 43 -10.52 -10.48 24.91
C GLY A 43 -11.82 -9.66 24.77
N TYR A 44 -11.79 -8.40 25.34
CA TYR A 44 -12.72 -7.34 24.97
C TYR A 44 -12.38 -6.80 23.52
N GLY A 45 -13.23 -5.88 23.00
CA GLY A 45 -13.07 -5.37 21.60
C GLY A 45 -11.75 -4.57 21.30
N ASN A 46 -11.03 -4.14 22.38
CA ASN A 46 -9.72 -3.40 22.24
C ASN A 46 -8.49 -4.36 22.02
N GLN A 47 -8.75 -5.72 22.01
CA GLN A 47 -7.71 -6.77 21.73
C GLN A 47 -8.06 -7.59 20.45
N GLN A 48 -9.07 -7.12 19.66
CA GLN A 48 -9.54 -7.82 18.39
C GLN A 48 -9.35 -6.84 17.19
N TRP A 49 -8.69 -7.31 16.10
CA TRP A 49 -8.27 -6.39 14.96
C TRP A 49 -8.79 -6.98 13.61
N THR A 50 -9.54 -6.13 12.87
CA THR A 50 -10.12 -6.52 11.54
C THR A 50 -9.20 -6.02 10.39
N LEU A 51 -8.81 -6.95 9.48
CA LEU A 51 -7.90 -6.74 8.31
C LEU A 51 -8.75 -6.60 7.02
N VAL A 52 -8.48 -5.53 6.22
CA VAL A 52 -9.07 -5.27 4.86
C VAL A 52 -7.79 -5.26 3.86
N GLN A 53 -7.89 -6.08 2.76
CA GLN A 53 -6.75 -6.29 1.81
C GLN A 53 -6.98 -5.60 0.42
N LEU A 54 -5.91 -5.03 -0.17
CA LEU A 54 -5.88 -4.58 -1.64
C LEU A 54 -5.60 -5.90 -2.51
N PRO A 55 -6.60 -6.36 -3.34
CA PRO A 55 -6.35 -7.67 -4.06
C PRO A 55 -5.04 -7.71 -4.90
N HIS A 56 -4.41 -8.93 -4.93
CA HIS A 56 -3.17 -9.22 -5.71
C HIS A 56 -1.92 -8.50 -5.17
N THR A 57 -1.97 -8.08 -3.85
CA THR A 57 -0.85 -7.42 -3.13
C THR A 57 -0.82 -7.99 -1.63
N THR A 58 0.25 -7.59 -0.90
CA THR A 58 0.30 -7.84 0.59
C THR A 58 0.02 -6.52 1.39
N ILE A 59 -0.72 -5.53 0.81
CA ILE A 59 -1.04 -4.23 1.50
C ILE A 59 -2.44 -4.33 2.17
N TYR A 60 -2.49 -3.92 3.49
CA TYR A 60 -3.74 -3.98 4.35
C TYR A 60 -3.92 -2.66 5.13
N THR A 61 -5.20 -2.42 5.61
CA THR A 61 -5.46 -1.60 6.83
C THR A 61 -5.84 -2.55 8.02
N MET A 62 -5.64 -2.00 9.28
CA MET A 62 -5.98 -2.73 10.57
C MET A 62 -6.92 -1.77 11.42
N GLN A 63 -8.04 -2.32 11.95
CA GLN A 63 -9.04 -1.48 12.72
C GLN A 63 -9.57 -2.31 13.93
N ALA A 64 -9.56 -1.72 15.18
CA ALA A 64 -10.06 -2.44 16.37
C ALA A 64 -11.64 -2.64 16.21
N VAL A 65 -12.17 -3.72 16.92
CA VAL A 65 -13.62 -4.00 16.92
C VAL A 65 -14.42 -2.92 17.73
N ASN A 66 -13.95 -2.53 18.95
CA ASN A 66 -14.61 -1.51 19.79
C ASN A 66 -13.57 -0.89 20.78
N PRO A 67 -13.37 0.48 20.76
CA PRO A 67 -13.88 1.46 19.77
C PRO A 67 -13.22 1.21 18.36
N GLN A 68 -13.82 1.78 17.30
CA GLN A 68 -13.41 1.51 15.87
C GLN A 68 -12.23 2.45 15.42
N SER A 69 -11.10 2.43 16.15
CA SER A 69 -9.84 3.15 15.85
C SER A 69 -8.90 2.33 14.90
N TYR A 70 -8.35 2.97 13.86
CA TYR A 70 -7.30 2.34 12.99
C TYR A 70 -5.90 2.40 13.67
N VAL A 71 -5.00 1.39 13.29
CA VAL A 71 -3.54 1.50 13.58
C VAL A 71 -2.91 2.63 12.69
N ARG A 72 -2.15 3.58 13.31
CA ARG A 72 -1.44 4.68 12.62
C ARG A 72 -0.05 4.90 13.31
N VAL A 73 0.96 5.29 12.50
CA VAL A 73 2.25 5.84 13.08
C VAL A 73 2.01 7.34 13.47
N ARG A 74 2.25 7.72 14.75
CA ARG A 74 1.93 9.08 15.25
C ARG A 74 2.50 10.19 14.32
N ASP A 75 1.63 11.19 13.92
CA ASP A 75 2.04 12.36 13.11
C ASP A 75 2.57 11.94 11.68
N ASP A 76 2.24 10.68 11.24
CA ASP A 76 2.76 10.16 9.94
C ASP A 76 4.34 10.29 9.85
N ASN A 77 5.03 10.12 11.04
CA ASN A 77 6.50 10.33 11.18
C ASN A 77 7.25 8.97 11.00
N LEU A 78 7.53 8.58 9.69
CA LEU A 78 7.94 7.17 9.34
C LEU A 78 9.47 6.99 9.51
N VAL A 79 9.93 6.94 10.82
CA VAL A 79 11.37 6.87 11.22
C VAL A 79 11.55 5.83 12.36
N ASP A 80 12.81 5.31 12.51
CA ASP A 80 13.20 4.38 13.62
C ASP A 80 12.77 5.01 15.02
N GLY A 81 12.05 4.19 15.86
CA GLY A 81 11.63 4.59 17.21
C GLY A 81 10.25 5.27 17.35
N ALA A 82 9.55 5.65 16.23
CA ALA A 82 8.24 6.39 16.29
C ALA A 82 7.15 5.49 16.95
N ALA A 83 6.21 6.15 17.73
CA ALA A 83 5.09 5.48 18.40
C ALA A 83 3.98 4.96 17.42
N LEU A 84 3.40 3.77 17.75
CA LEU A 84 2.09 3.32 17.16
C LEU A 84 0.92 3.80 18.09
N VAL A 85 -0.17 4.32 17.46
CA VAL A 85 -1.36 4.92 18.17
C VAL A 85 -2.68 4.54 17.44
N GLY A 86 -3.84 4.72 18.16
CA GLY A 86 -5.18 4.69 17.54
C GLY A 86 -5.60 6.08 16.93
N SER A 87 -6.27 6.01 15.72
CA SER A 87 -6.71 7.25 15.00
C SER A 87 -7.91 6.98 14.07
N GLN A 88 -8.64 8.08 13.70
CA GLN A 88 -9.72 8.04 12.68
C GLN A 88 -9.20 7.77 11.23
N GLN A 89 -7.87 7.86 10.96
CA GLN A 89 -7.28 7.54 9.63
C GLN A 89 -6.11 6.50 9.82
N PRO A 90 -6.03 5.48 8.87
CA PRO A 90 -4.96 4.43 9.00
C PRO A 90 -3.58 4.86 8.36
N THR A 91 -2.49 4.18 8.83
CA THR A 91 -1.22 4.00 8.02
C THR A 91 -1.34 2.62 7.24
N PRO A 92 -1.23 2.62 5.87
CA PRO A 92 -1.17 1.27 5.12
C PRO A 92 0.09 0.48 5.62
N VAL A 93 -0.10 -0.88 5.84
CA VAL A 93 1.00 -1.77 6.27
C VAL A 93 1.16 -2.95 5.21
N SER A 94 2.39 -3.53 5.16
CA SER A 94 2.64 -4.77 4.33
C SER A 94 2.82 -5.97 5.31
N ILE A 95 1.89 -6.95 5.30
CA ILE A 95 1.94 -8.12 6.26
C ILE A 95 2.51 -9.30 5.47
N GLU A 96 3.71 -9.77 5.84
CA GLU A 96 4.55 -10.76 5.02
C GLU A 96 4.98 -11.99 5.84
N SER A 97 4.76 -13.20 5.27
CA SER A 97 5.13 -14.46 5.97
CA SER A 97 5.17 -14.46 5.91
C SER A 97 6.69 -14.47 6.22
N ALA A 98 7.06 -14.97 7.38
CA ALA A 98 8.47 -15.12 7.80
C ALA A 98 9.04 -16.59 7.72
N GLY A 99 8.27 -17.57 7.25
CA GLY A 99 8.70 -18.96 6.95
C GLY A 99 7.46 -19.88 7.01
N ASN A 100 7.70 -21.17 7.15
CA ASN A 100 6.62 -22.15 7.06
C ASN A 100 6.15 -22.56 8.44
N SER A 101 5.50 -21.63 9.13
CA SER A 101 5.06 -21.91 10.48
C SER A 101 3.95 -21.01 11.00
N GLY A 102 3.51 -20.02 10.24
CA GLY A 102 2.42 -19.16 10.82
C GLY A 102 2.98 -17.90 11.42
N GLN A 103 4.35 -17.57 11.20
CA GLN A 103 4.71 -16.24 11.76
C GLN A 103 4.80 -15.16 10.65
N PHE A 104 4.60 -13.84 11.04
CA PHE A 104 4.55 -12.71 10.09
C PHE A 104 5.34 -11.53 10.67
N ARG A 105 5.89 -10.67 9.75
CA ARG A 105 6.29 -9.26 10.08
C ARG A 105 5.19 -8.27 9.62
N ILE A 106 4.98 -7.18 10.40
CA ILE A 106 4.03 -6.09 10.02
C ILE A 106 4.93 -4.85 9.69
N LYS A 107 5.17 -4.63 8.36
CA LYS A 107 6.19 -3.68 7.83
CA LYS A 107 6.17 -3.67 7.83
C LYS A 107 5.55 -2.35 7.33
N ILE A 108 6.38 -1.25 7.32
CA ILE A 108 6.03 0.02 6.62
C ILE A 108 6.56 -0.09 5.13
N PRO A 109 5.61 -0.07 4.14
CA PRO A 109 5.96 -0.39 2.71
C PRO A 109 7.23 0.45 2.23
N ASN A 110 8.22 -0.30 1.65
CA ASN A 110 9.38 0.26 0.90
C ASN A 110 10.50 0.94 1.80
N LEU A 111 10.34 0.90 3.16
CA LEU A 111 11.30 1.60 4.11
C LEU A 111 12.24 0.78 5.03
N GLY A 112 12.08 -0.48 5.04
CA GLY A 112 12.96 -1.39 5.97
C GLY A 112 12.74 -1.09 7.52
N LEU A 113 11.47 -0.80 7.88
CA LEU A 113 11.02 -0.57 9.29
C LEU A 113 9.81 -1.51 9.57
N ALA A 114 9.68 -2.00 10.83
CA ALA A 114 8.59 -2.96 11.22
C ALA A 114 8.16 -2.70 12.72
N LEU A 115 6.88 -3.13 13.04
CA LEU A 115 6.39 -3.06 14.47
C LEU A 115 7.24 -3.98 15.37
N THR A 116 7.67 -3.47 16.55
CA THR A 116 8.50 -4.25 17.50
CA THR A 116 8.53 -4.22 17.52
C THR A 116 8.02 -4.01 18.98
N LEU A 117 8.15 -5.04 19.86
CA LEU A 117 7.82 -4.99 21.29
C LEU A 117 9.14 -5.07 22.07
N PRO A 118 9.64 -3.89 22.68
CA PRO A 118 11.08 -3.86 23.17
C PRO A 118 11.33 -4.55 24.56
N SER A 119 10.28 -4.94 25.32
CA SER A 119 10.38 -5.61 26.66
C SER A 119 9.15 -6.47 26.94
N ASP A 120 9.30 -7.46 27.86
CA ASP A 120 8.12 -8.26 28.35
CA ASP A 120 8.21 -8.29 28.43
C ASP A 120 7.36 -7.54 29.50
N ALA A 121 7.81 -6.37 30.00
CA ALA A 121 7.03 -5.69 31.11
C ALA A 121 5.56 -5.40 30.61
N ASN A 122 4.53 -5.71 31.47
CA ASN A 122 3.13 -5.45 31.05
C ASN A 122 2.94 -3.93 30.72
N SER A 123 2.10 -3.63 29.68
CA SER A 123 1.81 -2.23 29.23
CA SER A 123 1.83 -2.25 29.20
C SER A 123 3.01 -1.52 28.54
N THR A 124 4.02 -2.24 28.02
CA THR A 124 5.12 -1.62 27.21
C THR A 124 4.54 -1.08 25.85
N PRO A 125 4.78 0.24 25.49
CA PRO A 125 4.30 0.70 24.12
C PRO A 125 5.06 0.04 22.93
N ILE A 126 4.31 -0.28 21.85
CA ILE A 126 4.87 -0.80 20.56
C ILE A 126 5.40 0.41 19.69
N VAL A 127 6.61 0.24 19.08
CA VAL A 127 7.34 1.30 18.32
CA VAL A 127 7.31 1.29 18.31
C VAL A 127 7.90 0.72 16.99
N LEU A 128 8.31 1.58 16.04
CA LEU A 128 9.05 1.10 14.84
C LEU A 128 10.52 0.72 15.22
N GLY A 129 11.05 -0.34 14.56
CA GLY A 129 12.52 -0.73 14.61
C GLY A 129 13.00 -1.15 13.22
N GLU A 130 14.35 -1.24 13.07
CA GLU A 130 14.97 -1.70 11.80
C GLU A 130 14.61 -3.20 11.50
N VAL A 131 14.20 -3.53 10.26
CA VAL A 131 14.01 -4.94 9.80
C VAL A 131 15.34 -5.71 9.89
N ASP A 132 15.31 -6.99 10.38
CA ASP A 132 16.54 -7.89 10.32
C ASP A 132 16.05 -9.35 10.14
N GLU A 133 17.01 -10.33 10.10
CA GLU A 133 16.69 -11.77 9.90
C GLU A 133 16.52 -12.58 11.13
N THR A 134 17.00 -12.09 12.34
CA THR A 134 17.05 -12.94 13.53
C THR A 134 16.32 -12.43 14.86
N SER A 135 15.85 -11.16 14.94
CA SER A 135 15.15 -10.72 16.16
CA SER A 135 15.13 -10.70 16.18
C SER A 135 13.69 -11.31 16.24
N THR A 136 13.34 -12.05 17.31
CA THR A 136 11.99 -12.60 17.50
C THR A 136 10.94 -11.53 18.02
N ASN A 137 11.45 -10.38 18.54
CA ASN A 137 10.50 -9.33 19.08
CA ASN A 137 10.57 -9.26 19.11
C ASN A 137 9.79 -8.52 17.98
N GLN A 138 10.15 -8.72 16.65
CA GLN A 138 9.44 -8.14 15.48
C GLN A 138 8.62 -9.24 14.70
N LEU A 139 8.45 -10.46 15.27
CA LEU A 139 7.62 -11.53 14.68
C LEU A 139 6.27 -11.65 15.49
N TRP A 140 5.16 -11.98 14.77
CA TRP A 140 3.76 -11.97 15.35
C TRP A 140 2.96 -13.20 14.80
N ALA A 141 2.11 -13.81 15.68
CA ALA A 141 1.19 -14.94 15.36
C ALA A 141 -0.29 -14.42 15.38
N PHE A 142 -1.10 -14.91 14.41
CA PHE A 142 -2.53 -14.47 14.18
C PHE A 142 -3.50 -15.66 14.45
N GLU A 143 -4.51 -15.49 15.35
CA GLU A 143 -5.54 -16.53 15.65
C GLU A 143 -6.96 -15.94 15.42
N SER A 144 -7.77 -16.61 14.58
CA SER A 144 -9.12 -16.09 14.24
CA SER A 144 -9.13 -16.07 14.22
C SER A 144 -10.04 -15.99 15.54
N VAL A 145 -10.90 -14.97 15.56
CA VAL A 145 -11.94 -14.80 16.60
C VAL A 145 -13.32 -15.19 15.91
N SER A 146 -13.97 -16.18 16.44
CA SER A 146 -15.27 -16.68 15.90
C SER A 146 -16.34 -15.58 16.13
N ALA A 147 -16.11 -14.75 17.03
CA ALA A 147 -17.06 -13.68 17.28
C ALA A 147 -18.49 -14.22 17.37
N VAL A 148 -19.43 -13.34 17.70
CA VAL A 148 -20.83 -13.72 17.81
C VAL A 148 -21.19 -14.10 19.25
N SER B 1 -10.10 11.53 -2.95
CA SER B 1 -9.14 11.03 -4.00
C SER B 1 -9.83 10.52 -5.24
N ILE B 2 -9.09 10.22 -6.35
CA ILE B 2 -9.71 9.82 -7.64
C ILE B 2 -10.66 8.59 -7.47
N THR B 3 -11.85 8.63 -8.09
CA THR B 3 -12.89 7.60 -7.98
C THR B 3 -12.43 6.26 -8.77
N PRO B 4 -12.60 5.03 -8.16
CA PRO B 4 -12.39 3.76 -9.00
C PRO B 4 -13.19 3.80 -10.33
N GLY B 5 -12.55 3.29 -11.40
CA GLY B 5 -13.16 3.35 -12.76
C GLY B 5 -12.07 3.04 -13.84
N THR B 6 -12.44 3.23 -15.15
CA THR B 6 -11.58 2.95 -16.33
C THR B 6 -11.30 4.27 -17.11
N TYR B 7 -10.02 4.57 -17.36
CA TYR B 7 -9.55 5.91 -17.86
C TYR B 7 -8.54 5.83 -19.07
N ASN B 8 -8.60 6.87 -19.95
CA ASN B 8 -7.43 7.28 -20.78
C ASN B 8 -6.52 8.23 -19.92
N ILE B 9 -5.17 8.09 -19.99
CA ILE B 9 -4.22 8.88 -19.16
C ILE B 9 -3.20 9.61 -20.09
N THR B 10 -3.30 10.98 -20.19
CA THR B 10 -2.53 11.80 -21.13
C THR B 10 -1.47 12.67 -20.42
N ASN B 11 -0.23 12.73 -20.95
CA ASN B 11 0.86 13.57 -20.28
C ASN B 11 0.54 15.10 -20.33
N VAL B 12 0.95 15.86 -19.29
CA VAL B 12 0.72 17.36 -19.23
C VAL B 12 1.84 18.15 -20.03
N ALA B 13 3.12 17.75 -19.98
CA ALA B 13 4.20 18.42 -20.85
C ALA B 13 3.83 18.19 -22.36
N TYR B 14 3.42 16.93 -22.69
CA TYR B 14 3.23 16.50 -24.10
C TYR B 14 1.75 15.93 -24.29
N THR B 15 0.79 16.87 -24.62
CA THR B 15 -0.68 16.60 -24.54
C THR B 15 -1.23 15.69 -25.73
N ASN B 16 -0.34 15.30 -26.66
CA ASN B 16 -0.54 14.34 -27.79
C ASN B 16 -0.05 12.88 -27.45
N ARG B 17 0.36 12.58 -26.15
CA ARG B 17 0.99 11.29 -25.73
C ARG B 17 0.20 10.59 -24.57
N LEU B 18 -0.38 9.37 -24.84
CA LEU B 18 -1.11 8.56 -23.85
C LEU B 18 -0.21 7.41 -23.28
N ILE B 19 -0.51 6.96 -22.04
CA ILE B 19 0.12 5.72 -21.46
C ILE B 19 -0.40 4.48 -22.30
N ASP B 20 0.55 3.63 -22.85
CA ASP B 20 0.27 2.60 -23.92
C ASP B 20 1.15 1.34 -23.65
N LEU B 21 0.50 0.12 -23.67
CA LEU B 21 1.26 -1.18 -23.57
C LEU B 21 1.71 -1.61 -25.03
N THR B 22 3.04 -1.63 -25.28
CA THR B 22 3.64 -1.80 -26.65
C THR B 22 2.97 -3.03 -27.43
N GLY B 23 2.37 -2.71 -28.62
CA GLY B 23 1.87 -3.77 -29.54
C GLY B 23 0.71 -4.62 -28.98
N SER B 24 0.03 -4.18 -27.89
CA SER B 24 -0.98 -5.07 -27.22
C SER B 24 -0.38 -6.45 -26.81
N ASN B 25 0.93 -6.53 -26.50
CA ASN B 25 1.60 -7.86 -26.26
C ASN B 25 1.34 -8.33 -24.77
N PRO B 26 0.74 -9.56 -24.56
CA PRO B 26 0.48 -10.08 -23.16
C PRO B 26 1.76 -10.61 -22.42
N ALA B 27 2.93 -10.73 -23.10
CA ALA B 27 4.15 -11.36 -22.49
C ALA B 27 4.66 -10.52 -21.27
N GLU B 28 5.25 -11.25 -20.28
CA GLU B 28 5.93 -10.61 -19.15
C GLU B 28 7.12 -9.66 -19.63
N ASN B 29 7.20 -8.46 -18.98
CA ASN B 29 8.29 -7.46 -19.18
C ASN B 29 8.24 -6.66 -20.54
N THR B 30 7.04 -6.68 -21.21
CA THR B 30 6.73 -5.76 -22.36
C THR B 30 6.79 -4.28 -21.88
N LEU B 31 7.48 -3.39 -22.62
CA LEU B 31 7.62 -1.93 -22.19
C LEU B 31 6.27 -1.16 -22.26
N ILE B 32 6.06 -0.27 -21.21
CA ILE B 32 5.01 0.76 -21.23
C ILE B 32 5.63 2.11 -21.74
N ILE B 33 4.94 2.76 -22.75
CA ILE B 33 5.48 3.88 -23.56
C ILE B 33 4.47 5.06 -23.63
N GLY B 34 4.93 6.27 -24.06
CA GLY B 34 4.02 7.38 -24.51
C GLY B 34 3.79 7.26 -26.05
N HIS B 35 2.48 7.34 -26.46
CA HIS B 35 2.14 7.14 -27.92
C HIS B 35 0.82 7.92 -28.32
N HIS B 36 0.74 8.38 -29.59
CA HIS B 36 -0.51 9.05 -30.05
C HIS B 36 -1.76 8.10 -29.89
N LEU B 37 -2.93 8.73 -29.72
CA LEU B 37 -4.24 8.06 -29.63
C LEU B 37 -4.48 7.08 -30.84
N ASN B 38 -4.73 5.73 -30.57
CA ASN B 38 -4.69 4.72 -31.69
C ASN B 38 -6.10 4.30 -32.25
N LYS B 39 -7.18 4.92 -31.79
CA LYS B 39 -8.61 4.65 -32.22
C LYS B 39 -9.49 5.81 -31.72
N THR B 40 -10.46 6.29 -32.56
CA THR B 40 -11.49 7.26 -32.00
C THR B 40 -12.73 6.52 -31.46
N PRO B 41 -13.30 6.98 -30.30
CA PRO B 41 -12.91 8.19 -29.49
C PRO B 41 -11.91 7.90 -28.32
N SER B 42 -11.72 6.63 -27.90
CA SER B 42 -11.08 6.26 -26.61
C SER B 42 -9.94 5.16 -26.70
N GLY B 43 -9.39 4.91 -27.93
CA GLY B 43 -8.29 3.90 -28.09
C GLY B 43 -8.79 2.42 -28.13
N TYR B 44 -7.86 1.50 -28.50
CA TYR B 44 -8.05 0.05 -28.23
C TYR B 44 -7.75 -0.24 -26.70
N GLY B 45 -7.92 -1.54 -26.27
CA GLY B 45 -7.81 -1.91 -24.82
C GLY B 45 -6.37 -1.72 -24.22
N ASN B 46 -5.33 -1.54 -25.06
CA ASN B 46 -3.96 -1.31 -24.57
C ASN B 46 -3.70 0.21 -24.15
N GLN B 47 -4.69 1.10 -24.37
CA GLN B 47 -4.65 2.53 -23.96
C GLN B 47 -5.77 2.86 -22.92
N GLN B 48 -6.41 1.85 -22.30
CA GLN B 48 -7.52 1.99 -21.27
C GLN B 48 -7.07 1.28 -19.98
N TRP B 49 -7.11 2.00 -18.82
CA TRP B 49 -6.50 1.48 -17.52
C TRP B 49 -7.56 1.53 -16.39
N THR B 50 -7.81 0.35 -15.76
CA THR B 50 -8.79 0.17 -14.63
C THR B 50 -8.06 0.33 -13.27
N LEU B 51 -8.60 1.23 -12.41
CA LEU B 51 -8.09 1.54 -11.04
C LEU B 51 -8.98 0.81 -9.97
N VAL B 52 -8.29 0.06 -9.02
CA VAL B 52 -8.88 -0.57 -7.81
C VAL B 52 -8.20 0.09 -6.57
N GLN B 53 -9.02 0.59 -5.59
CA GLN B 53 -8.55 1.39 -4.40
C GLN B 53 -8.65 0.62 -3.06
N LEU B 54 -7.64 0.76 -2.18
CA LEU B 54 -7.74 0.34 -0.74
C LEU B 54 -8.55 1.44 0.06
N PRO B 55 -9.77 1.12 0.61
CA PRO B 55 -10.58 2.26 1.23
C PRO B 55 -9.83 3.04 2.37
N HIS B 56 -10.11 4.36 2.45
CA HIS B 56 -9.57 5.27 3.52
C HIS B 56 -8.01 5.49 3.33
N THR B 57 -7.47 5.28 2.10
CA THR B 57 -6.07 5.54 1.72
C THR B 57 -6.02 6.11 0.25
N THR B 58 -4.82 6.55 -0.21
CA THR B 58 -4.57 6.90 -1.66
C THR B 58 -3.77 5.78 -2.41
N ILE B 59 -3.86 4.51 -1.92
CA ILE B 59 -3.10 3.35 -2.55
C ILE B 59 -4.04 2.60 -3.56
N TYR B 60 -3.53 2.35 -4.80
CA TYR B 60 -4.24 1.70 -5.91
C TYR B 60 -3.35 0.62 -6.65
N THR B 61 -4.07 -0.30 -7.38
CA THR B 61 -3.44 -1.04 -8.52
C THR B 61 -4.01 -0.45 -9.87
N MET B 62 -3.20 -0.63 -10.97
CA MET B 62 -3.58 -0.23 -12.37
C MET B 62 -3.50 -1.47 -13.32
N GLN B 63 -4.55 -1.76 -14.12
CA GLN B 63 -4.57 -2.96 -15.02
C GLN B 63 -5.19 -2.57 -16.39
N ALA B 64 -4.52 -2.98 -17.53
CA ALA B 64 -5.06 -2.65 -18.90
C ALA B 64 -6.37 -3.50 -19.14
N VAL B 65 -7.28 -2.93 -19.98
CA VAL B 65 -8.54 -3.63 -20.36
C VAL B 65 -8.26 -4.91 -21.25
N ASN B 66 -7.36 -4.80 -22.27
CA ASN B 66 -7.01 -6.02 -23.10
C ASN B 66 -5.63 -5.75 -23.77
N PRO B 67 -4.63 -6.72 -23.61
CA PRO B 67 -4.67 -7.90 -22.67
C PRO B 67 -4.65 -7.40 -21.21
N GLN B 68 -4.98 -8.29 -20.20
CA GLN B 68 -5.17 -7.89 -18.77
CA GLN B 68 -5.17 -7.89 -18.78
C GLN B 68 -3.81 -7.88 -17.98
N SER B 69 -2.80 -7.13 -18.48
CA SER B 69 -1.49 -6.93 -17.78
C SER B 69 -1.58 -5.74 -16.74
N TYR B 70 -1.00 -5.95 -15.53
CA TYR B 70 -0.85 -4.87 -14.51
C TYR B 70 0.42 -3.98 -14.83
N VAL B 71 0.38 -2.69 -14.36
CA VAL B 71 1.58 -1.83 -14.29
C VAL B 71 2.52 -2.32 -13.15
N ARG B 72 3.82 -2.52 -13.48
CA ARG B 72 4.87 -2.97 -12.56
C ARG B 72 6.23 -2.27 -12.87
N VAL B 73 7.05 -1.95 -11.80
CA VAL B 73 8.48 -1.56 -12.02
C VAL B 73 9.32 -2.84 -12.25
N ARG B 74 10.10 -2.88 -13.36
CA ARG B 74 10.93 -4.08 -13.73
C ARG B 74 11.77 -4.59 -12.50
N ASP B 75 11.63 -5.91 -12.21
CA ASP B 75 12.40 -6.59 -11.11
C ASP B 75 12.11 -5.96 -9.67
N ASP B 76 10.99 -5.22 -9.53
CA ASP B 76 10.69 -4.56 -8.21
C ASP B 76 11.94 -3.65 -7.75
N ASN B 77 12.65 -3.03 -8.72
CA ASN B 77 13.92 -2.31 -8.46
C ASN B 77 13.60 -0.78 -8.31
N LEU B 78 13.28 -0.35 -7.06
CA LEU B 78 12.64 1.02 -6.85
C LEU B 78 13.76 2.12 -6.72
N VAL B 79 14.36 2.50 -7.88
CA VAL B 79 15.53 3.47 -8.03
C VAL B 79 15.26 4.42 -9.24
N ASP B 80 15.96 5.60 -9.21
CA ASP B 80 15.96 6.60 -10.34
C ASP B 80 16.29 5.88 -11.69
N GLY B 81 15.45 6.15 -12.73
CA GLY B 81 15.70 5.62 -14.12
C GLY B 81 15.07 4.24 -14.43
N ALA B 82 14.52 3.50 -13.42
CA ALA B 82 14.03 2.12 -13.65
C ALA B 82 12.80 2.08 -14.62
N ALA B 83 12.74 1.00 -15.50
CA ALA B 83 11.67 0.82 -16.51
C ALA B 83 10.26 0.45 -15.90
N LEU B 84 9.17 1.05 -16.46
CA LEU B 84 7.77 0.53 -16.27
C LEU B 84 7.45 -0.51 -17.39
N VAL B 85 6.80 -1.63 -16.96
CA VAL B 85 6.47 -2.80 -17.82
C VAL B 85 5.05 -3.39 -17.49
N GLY B 86 4.53 -4.23 -18.41
CA GLY B 86 3.34 -5.10 -18.14
C GLY B 86 3.73 -6.45 -17.47
N SER B 87 2.92 -6.92 -16.49
CA SER B 87 3.16 -8.19 -15.71
C SER B 87 1.85 -8.80 -15.18
N GLN B 88 1.91 -10.12 -14.84
CA GLN B 88 0.86 -10.84 -14.10
CA GLN B 88 0.82 -10.82 -14.11
C GLN B 88 0.68 -10.35 -12.64
N GLN B 89 1.66 -9.61 -12.04
CA GLN B 89 1.58 -9.06 -10.65
C GLN B 89 1.82 -7.52 -10.68
N PRO B 90 1.02 -6.73 -9.87
CA PRO B 90 1.21 -5.24 -9.86
C PRO B 90 2.33 -4.71 -8.88
N THR B 91 2.82 -3.48 -9.17
CA THR B 91 3.44 -2.57 -8.15
C THR B 91 2.31 -1.66 -7.54
N PRO B 92 2.04 -1.69 -6.18
CA PRO B 92 1.07 -0.67 -5.58
C PRO B 92 1.63 0.78 -5.83
N VAL B 93 0.71 1.71 -6.21
CA VAL B 93 1.07 3.15 -6.46
C VAL B 93 0.18 4.09 -5.58
N SER B 94 0.72 5.32 -5.25
CA SER B 94 -0.03 6.38 -4.54
C SER B 94 -0.44 7.45 -5.58
N ILE B 95 -1.77 7.58 -5.90
CA ILE B 95 -2.25 8.57 -6.96
C ILE B 95 -2.82 9.81 -6.21
N GLU B 96 -2.20 10.99 -6.39
CA GLU B 96 -2.45 12.18 -5.56
C GLU B 96 -2.75 13.46 -6.48
N SER B 97 -3.80 14.24 -6.10
CA SER B 97 -4.12 15.46 -6.88
CA SER B 97 -4.14 15.50 -6.78
CA SER B 97 -4.14 15.50 -6.78
C SER B 97 -2.95 16.47 -6.76
N ALA B 98 -2.67 17.19 -7.86
CA ALA B 98 -1.48 18.14 -8.01
C ALA B 98 -1.66 19.08 -9.18
N GLY B 99 -0.77 20.11 -9.30
CA GLY B 99 -0.76 20.98 -10.51
C GLY B 99 -2.04 21.75 -10.34
N ASN B 100 -2.95 21.74 -11.33
CA ASN B 100 -4.34 22.06 -10.91
C ASN B 100 -5.35 21.59 -11.92
N SER B 101 -6.18 20.61 -11.57
CA SER B 101 -7.38 20.36 -12.34
C SER B 101 -7.79 18.89 -12.26
N GLY B 102 -8.09 18.27 -13.39
CA GLY B 102 -8.13 16.80 -13.52
C GLY B 102 -6.74 16.17 -13.72
N GLN B 103 -5.73 16.97 -13.14
CA GLN B 103 -4.26 16.67 -12.97
C GLN B 103 -3.75 15.97 -11.64
N PHE B 104 -2.91 14.92 -11.83
CA PHE B 104 -2.44 14.00 -10.79
C PHE B 104 -0.95 13.59 -10.95
N ARG B 105 -0.29 13.27 -9.85
CA ARG B 105 1.06 12.59 -9.81
C ARG B 105 0.84 11.06 -9.48
N ILE B 106 1.60 10.14 -10.14
CA ILE B 106 1.57 8.65 -9.87
C ILE B 106 2.91 8.30 -9.17
N LYS B 107 2.90 8.25 -7.80
CA LYS B 107 4.13 8.20 -6.96
CA LYS B 107 4.13 8.14 -7.00
C LYS B 107 4.38 6.74 -6.43
N ILE B 108 5.67 6.41 -6.15
CA ILE B 108 5.99 5.18 -5.39
C ILE B 108 5.76 5.43 -3.87
N PRO B 109 4.91 4.57 -3.18
CA PRO B 109 4.59 4.86 -1.72
C PRO B 109 5.88 5.04 -0.87
N ASN B 110 5.91 6.15 -0.06
CA ASN B 110 6.98 6.45 0.97
C ASN B 110 8.38 6.79 0.40
N LEU B 111 8.58 6.86 -0.94
CA LEU B 111 9.88 7.19 -1.57
C LEU B 111 9.72 8.52 -2.48
N GLY B 112 10.81 9.26 -2.66
CA GLY B 112 10.80 10.48 -3.51
C GLY B 112 10.97 10.18 -5.04
N LEU B 113 10.12 9.20 -5.58
CA LEU B 113 10.14 8.78 -7.00
C LEU B 113 8.72 8.80 -7.61
N ALA B 114 8.61 9.11 -8.94
CA ALA B 114 7.31 9.18 -9.62
C ALA B 114 7.45 8.79 -11.13
N LEU B 115 6.30 8.32 -11.78
CA LEU B 115 6.32 8.01 -13.24
C LEU B 115 6.51 9.34 -14.06
N THR B 116 7.43 9.32 -15.08
CA THR B 116 7.76 10.52 -15.93
C THR B 116 7.99 10.11 -17.38
N LEU B 117 7.73 11.08 -18.32
CA LEU B 117 7.88 10.92 -19.81
C LEU B 117 8.99 11.89 -20.28
N PRO B 118 10.27 11.43 -20.58
CA PRO B 118 11.38 12.39 -20.78
C PRO B 118 11.46 13.17 -22.14
N SER B 119 10.69 12.74 -23.18
CA SER B 119 10.71 13.30 -24.56
CA SER B 119 10.68 13.31 -24.58
C SER B 119 9.31 13.26 -25.20
N ASP B 120 9.09 14.12 -26.25
CA ASP B 120 7.84 14.05 -27.05
C ASP B 120 7.95 13.05 -28.31
N ALA B 121 9.13 12.38 -28.46
CA ALA B 121 9.33 11.41 -29.64
C ALA B 121 8.21 10.28 -29.47
N ASN B 122 7.54 9.91 -30.59
CA ASN B 122 6.52 8.85 -30.50
C ASN B 122 7.18 7.51 -30.06
N SER B 123 6.52 6.75 -29.12
CA SER B 123 6.99 5.43 -28.59
C SER B 123 8.19 5.58 -27.57
N THR B 124 8.39 6.76 -26.93
CA THR B 124 9.45 6.93 -25.85
C THR B 124 9.02 6.09 -24.59
N PRO B 125 9.95 5.25 -24.00
CA PRO B 125 9.54 4.48 -22.75
C PRO B 125 9.29 5.44 -21.55
N ILE B 126 8.29 5.04 -20.69
CA ILE B 126 8.01 5.71 -19.38
C ILE B 126 8.95 5.04 -18.28
N VAL B 127 9.54 5.91 -17.40
CA VAL B 127 10.56 5.47 -16.40
C VAL B 127 10.26 6.21 -15.03
N LEU B 128 10.93 5.74 -13.94
CA LEU B 128 10.96 6.52 -12.65
C LEU B 128 11.90 7.77 -12.75
N GLY B 129 11.51 8.88 -12.13
CA GLY B 129 12.37 10.09 -11.91
C GLY B 129 12.18 10.67 -10.51
N GLU B 130 13.15 11.48 -10.03
CA GLU B 130 13.06 12.15 -8.69
C GLU B 130 11.77 13.11 -8.66
N VAL B 131 11.03 13.09 -7.55
CA VAL B 131 9.88 14.03 -7.34
C VAL B 131 10.44 15.52 -7.43
N ASP B 132 9.68 16.36 -8.23
CA ASP B 132 10.02 17.80 -8.52
C ASP B 132 8.62 18.46 -8.80
N GLU B 133 8.11 19.26 -7.81
CA GLU B 133 6.76 19.87 -7.92
C GLU B 133 6.60 20.91 -9.05
N THR B 134 7.67 21.36 -9.69
CA THR B 134 7.67 22.26 -10.89
C THR B 134 7.77 21.56 -12.26
N SER B 135 7.96 20.19 -12.32
CA SER B 135 8.16 19.46 -13.59
C SER B 135 6.76 18.93 -14.17
N THR B 136 6.36 19.50 -15.35
CA THR B 136 5.14 19.00 -15.99
C THR B 136 5.29 17.56 -16.66
N ASN B 137 6.54 17.09 -16.85
CA ASN B 137 6.80 15.73 -17.44
C ASN B 137 6.27 14.54 -16.49
N GLN B 138 6.12 14.87 -15.15
CA GLN B 138 5.59 13.89 -14.15
C GLN B 138 4.11 14.22 -13.71
N LEU B 139 3.37 15.05 -14.47
CA LEU B 139 1.93 15.30 -14.26
C LEU B 139 1.08 14.65 -15.43
N TRP B 140 -0.15 14.19 -15.06
CA TRP B 140 -1.02 13.39 -15.91
C TRP B 140 -2.53 13.79 -15.78
N ALA B 141 -3.27 13.90 -16.93
CA ALA B 141 -4.72 14.19 -17.02
C ALA B 141 -5.49 12.84 -17.21
N PHE B 142 -6.47 12.56 -16.32
CA PHE B 142 -7.31 11.33 -16.31
C PHE B 142 -8.75 11.65 -16.88
N GLU B 143 -9.17 10.95 -17.96
CA GLU B 143 -10.53 11.16 -18.62
CA GLU B 143 -10.52 11.16 -18.61
C GLU B 143 -11.28 9.80 -18.67
N SER B 144 -12.50 9.69 -18.06
CA SER B 144 -13.29 8.44 -18.06
CA SER B 144 -13.25 8.42 -18.05
CA SER B 144 -13.28 8.44 -18.04
C SER B 144 -13.57 7.94 -19.48
N VAL B 145 -13.53 6.63 -19.71
CA VAL B 145 -13.83 6.01 -21.00
C VAL B 145 -15.32 6.12 -21.30
N SER B 146 -15.68 6.71 -22.43
CA SER B 146 -17.08 6.91 -22.79
C SER B 146 -17.90 5.63 -22.68
N ALA B 147 -19.22 5.79 -22.56
CA ALA B 147 -20.12 4.65 -22.47
C ALA B 147 -20.73 4.34 -23.83
N VAL B 148 -20.01 3.56 -24.63
CA VAL B 148 -20.44 3.22 -25.98
C VAL B 148 -21.97 3.27 -26.09
C1 GLC C . -10.28 2.26 33.67
C2 GLC C . -8.83 2.61 33.26
C3 GLC C . -8.34 1.68 32.13
C4 GLC C . -8.80 0.24 32.24
C5 GLC C . -10.20 0.02 32.84
C6 GLC C . -10.54 -1.45 33.22
O1 GLC C . -11.12 2.81 32.73
O2 GLC C . -8.64 3.99 32.92
O3 GLC C . -6.98 1.87 31.93
O4 GLC C . -8.69 -0.46 30.95
O5 GLC C . -10.45 0.87 33.98
O6 GLC C . -11.93 -1.66 33.63
C1 GAL C . -7.59 -1.35 30.77
C2 GAL C . -7.89 -2.31 29.54
C3 GAL C . -6.62 -3.17 29.22
C4 GAL C . -5.39 -2.23 29.03
C5 GAL C . -5.17 -1.35 30.27
C6 GAL C . -3.99 -0.35 30.13
O2 GAL C . -9.05 -3.15 29.82
O3 GAL C . -6.89 -4.00 28.06
O4 GAL C . -5.58 -1.37 27.83
O5 GAL C . -6.40 -0.53 30.48
O6 GAL C . -3.79 0.48 31.28
C1 GLC D . 1.63 -4.97 -35.53
C2 GLC D . 2.73 -4.08 -35.04
C3 GLC D . 2.38 -3.52 -33.72
C4 GLC D . 1.12 -2.65 -33.85
C5 GLC D . -0.05 -3.45 -34.56
C6 GLC D . -1.16 -2.54 -35.04
O1 GLC D . 1.38 -5.98 -34.61
O2 GLC D . 3.91 -4.80 -34.94
O3 GLC D . 3.44 -2.74 -33.24
O4 GLC D . 0.68 -2.29 -32.55
O5 GLC D . 0.44 -4.20 -35.75
O6 GLC D . -2.42 -3.18 -35.04
C1 GAL D . 0.97 -0.98 -32.14
C2 GAL D . -0.14 -0.52 -31.09
C3 GAL D . 0.18 0.89 -30.59
C4 GAL D . 1.61 0.93 -30.06
C5 GAL D . 2.59 0.41 -31.15
C6 GAL D . 4.01 0.38 -30.73
O2 GAL D . -1.39 -0.53 -31.68
O3 GAL D . -0.72 1.25 -29.58
O4 GAL D . 1.70 0.13 -28.92
O5 GAL D . 2.24 -0.91 -31.55
O6 GAL D . 4.87 -0.04 -31.81
S SO4 E . -16.57 -4.26 24.66
O1 SO4 E . -17.35 -4.58 25.86
O2 SO4 E . -15.75 -5.35 24.32
O3 SO4 E . -17.68 -3.98 23.66
O4 SO4 E . -15.73 -3.03 24.94
S SO4 F . 20.73 -10.10 11.20
O1 SO4 F . 21.80 -9.08 11.07
O2 SO4 F . 19.85 -9.89 9.95
O3 SO4 F . 19.87 -10.06 12.44
O4 SO4 F . 21.51 -11.45 11.03
S SO4 G . -2.37 15.08 21.77
O1 SO4 G . -0.94 14.48 22.32
O2 SO4 G . -3.30 14.37 20.83
O3 SO4 G . -3.05 15.67 22.89
O4 SO4 G . -1.90 16.10 20.65
S SO4 H . -9.00 -5.06 -28.40
O1 SO4 H . -10.06 -5.91 -27.65
O2 SO4 H . -9.13 -3.70 -27.92
O3 SO4 H . -7.59 -5.62 -28.21
O4 SO4 H . -9.31 -5.27 -29.83
S SO4 I . 1.66 20.27 -6.12
O1 SO4 I . 2.05 19.02 -5.41
O2 SO4 I . 0.17 20.36 -6.08
O3 SO4 I . 2.25 21.47 -5.42
O4 SO4 I . 2.10 20.16 -7.56
#